data_6Q5Y
#
_entry.id   6Q5Y
#
_cell.length_a   67.832
_cell.length_b   67.832
_cell.length_c   178.118
_cell.angle_alpha   90.00
_cell.angle_beta   90.00
_cell.angle_gamma   120.00
#
_symmetry.space_group_name_H-M   'P 32'
#
loop_
_entity.id
_entity.type
_entity.pdbx_description
1 polymer 'PHD finger protein 3'
2 polymer pSer2pSer5
3 water water
#
loop_
_entity_poly.entity_id
_entity_poly.type
_entity_poly.pdbx_seq_one_letter_code
_entity_poly.pdbx_strand_id
1 'polypeptide(L)'
;GAMGSTFLARLNFIWKGFINMPSVAKFVTKAYPVSGSPEYLTEDLPDSIQVGGRISPQTVWDYVEKIKASGTKEICVVRF
TPVTEEDQISYTLLFAYFSSRKRYGVAANNMKQVKDMYLIPLGATDKIPHPLVPFDGPGLELHRPNLLLGLIIRQKLKRQ
HS
;
A,B,C,D
2 'polypeptide(L)' Y(SEP)PT(SEP)PSY(SEP)PT(SEP)PS E,F
#
# COMPACT_ATOMS: atom_id res chain seq x y z
N ASN A 12 -18.34 -11.95 18.91
CA ASN A 12 -17.03 -12.11 18.20
C ASN A 12 -16.58 -10.75 17.67
N PHE A 13 -15.26 -10.54 17.62
CA PHE A 13 -14.59 -9.46 16.84
C PHE A 13 -14.50 -9.92 15.39
N ILE A 14 -14.84 -9.04 14.45
CA ILE A 14 -14.91 -9.37 12.98
C ILE A 14 -13.51 -9.21 12.37
N TRP A 15 -12.69 -8.33 12.95
CA TRP A 15 -11.33 -8.04 12.44
C TRP A 15 -10.43 -7.55 13.58
N LYS A 16 -9.19 -8.06 13.60
CA LYS A 16 -8.09 -7.59 14.49
C LYS A 16 -6.91 -7.21 13.61
N GLY A 17 -6.34 -6.03 13.86
CA GLY A 17 -5.21 -5.50 13.08
C GLY A 17 -4.80 -4.12 13.53
N PHE A 18 -3.86 -3.54 12.80
CA PHE A 18 -3.21 -2.25 13.14
C PHE A 18 -4.00 -1.11 12.50
N ILE A 19 -3.98 0.04 13.18
CA ILE A 19 -4.39 1.38 12.64
C ILE A 19 -3.20 2.32 12.86
N ASN A 20 -2.54 2.69 11.78
CA ASN A 20 -1.27 3.47 11.75
C ASN A 20 -1.55 4.82 11.07
N MET A 21 -1.39 5.91 11.79
CA MET A 21 -1.14 7.27 11.23
C MET A 21 0.31 7.60 11.56
N PRO A 22 1.21 7.73 10.57
CA PRO A 22 2.66 7.65 10.81
C PRO A 22 3.14 8.53 11.99
N SER A 23 3.98 7.96 12.85
CA SER A 23 4.62 8.62 14.03
C SER A 23 3.61 8.83 15.17
N VAL A 24 2.54 9.57 14.90
CA VAL A 24 1.54 10.04 15.90
C VAL A 24 0.85 8.82 16.51
N ALA A 25 -0.21 8.30 15.87
CA ALA A 25 -0.96 7.13 16.36
C ALA A 25 -0.55 5.92 15.52
N LYS A 26 0.03 4.92 16.19
CA LYS A 26 0.21 3.55 15.64
C LYS A 26 -0.27 2.61 16.76
N PHE A 27 -1.27 1.78 16.47
CA PHE A 27 -1.84 0.83 17.46
C PHE A 27 -2.66 -0.28 16.79
N VAL A 28 -2.80 -1.38 17.54
CA VAL A 28 -3.64 -2.57 17.21
C VAL A 28 -5.03 -2.30 17.78
N THR A 29 -6.06 -2.80 17.09
CA THR A 29 -7.48 -2.64 17.46
C THR A 29 -8.31 -3.80 16.89
N LYS A 30 -9.35 -4.19 17.63
CA LYS A 30 -10.40 -5.14 17.19
C LYS A 30 -11.59 -4.33 16.68
N ALA A 31 -12.26 -4.83 15.63
CA ALA A 31 -13.42 -4.19 14.98
C ALA A 31 -14.67 -5.00 15.27
N TYR A 32 -15.71 -4.36 15.82
CA TYR A 32 -17.02 -4.97 16.18
C TYR A 32 -18.12 -4.30 15.35
N PRO A 33 -19.12 -5.06 14.85
CA PRO A 33 -20.13 -4.51 13.94
C PRO A 33 -21.04 -3.48 14.63
N VAL A 34 -21.51 -2.48 13.89
CA VAL A 34 -22.41 -1.40 14.37
C VAL A 34 -23.62 -1.24 13.45
N SER A 35 -23.43 -1.36 12.12
CA SER A 35 -24.49 -1.20 11.08
C SER A 35 -24.22 -2.11 9.88
N GLY A 36 -23.66 -3.28 10.14
CA GLY A 36 -23.61 -4.42 9.19
C GLY A 36 -23.78 -5.72 9.95
N SER A 37 -24.35 -6.75 9.30
CA SER A 37 -24.51 -8.11 9.87
C SER A 37 -23.16 -8.82 9.91
N PRO A 38 -22.67 -9.23 11.11
CA PRO A 38 -21.36 -9.88 11.22
C PRO A 38 -21.36 -11.39 10.94
N GLU A 39 -20.77 -11.77 9.79
CA GLU A 39 -20.47 -13.18 9.46
C GLU A 39 -19.29 -13.20 8.48
N TYR A 40 -18.07 -13.08 9.01
CA TYR A 40 -16.79 -13.36 8.30
C TYR A 40 -16.56 -12.31 7.21
N LEU A 41 -15.71 -11.31 7.50
CA LEU A 41 -15.27 -10.26 6.54
C LEU A 41 -13.79 -9.90 6.72
N THR A 42 -13.06 -10.62 7.57
CA THR A 42 -11.60 -10.46 7.83
C THR A 42 -10.80 -10.63 6.53
N GLU A 43 -11.35 -11.39 5.58
CA GLU A 43 -10.78 -11.64 4.23
C GLU A 43 -10.53 -10.29 3.53
N ASP A 44 -11.47 -9.36 3.65
CA ASP A 44 -11.58 -8.16 2.78
C ASP A 44 -10.69 -7.05 3.33
N LEU A 45 -10.10 -7.23 4.53
CA LEU A 45 -9.30 -6.16 5.19
C LEU A 45 -7.86 -6.63 5.41
N PRO A 46 -6.86 -5.73 5.24
CA PRO A 46 -5.46 -6.06 5.54
C PRO A 46 -5.22 -6.09 7.05
N ASP A 47 -3.94 -6.15 7.47
CA ASP A 47 -3.54 -6.15 8.89
C ASP A 47 -3.33 -4.70 9.35
N SER A 48 -2.49 -3.93 8.65
CA SER A 48 -2.19 -2.51 8.97
C SER A 48 -3.03 -1.58 8.09
N ILE A 49 -3.75 -0.64 8.68
CA ILE A 49 -4.52 0.44 7.98
C ILE A 49 -3.76 1.76 8.16
N GLN A 50 -3.09 2.22 7.11
CA GLN A 50 -2.36 3.52 7.03
C GLN A 50 -3.41 4.62 6.88
N VAL A 51 -3.29 5.70 7.66
CA VAL A 51 -4.21 6.88 7.60
C VAL A 51 -3.63 7.89 6.61
N GLY A 52 -4.22 7.97 5.41
CA GLY A 52 -3.75 8.80 4.28
C GLY A 52 -3.82 10.29 4.59
N GLY A 53 -4.88 10.71 5.28
CA GLY A 53 -5.17 12.14 5.52
C GLY A 53 -6.53 12.35 6.17
N ARG A 54 -7.23 13.39 5.73
CA ARG A 54 -8.43 13.97 6.41
C ARG A 54 -9.58 14.07 5.41
N ILE A 55 -10.78 14.36 5.92
CA ILE A 55 -12.00 14.71 5.12
C ILE A 55 -12.98 15.48 6.01
N SER A 56 -13.61 16.49 5.42
CA SER A 56 -14.54 17.45 6.05
C SER A 56 -15.82 16.71 6.48
N PRO A 57 -15.87 16.16 7.71
CA PRO A 57 -16.98 15.28 8.06
C PRO A 57 -18.34 15.99 7.99
N GLN A 58 -18.38 17.19 8.60
CA GLN A 58 -19.63 17.93 8.92
C GLN A 58 -20.36 18.23 7.61
N THR A 59 -19.64 18.46 6.50
CA THR A 59 -20.25 18.65 5.15
C THR A 59 -20.17 17.37 4.32
N VAL A 60 -19.04 16.65 4.34
CA VAL A 60 -18.82 15.54 3.34
C VAL A 60 -19.50 14.26 3.88
N TRP A 61 -20.68 14.39 4.47
CA TRP A 61 -21.69 13.31 4.70
C TRP A 61 -22.17 12.76 3.35
N ASP A 62 -22.26 13.63 2.33
CA ASP A 62 -23.04 13.50 1.09
C ASP A 62 -22.68 12.22 0.33
N TYR A 63 -21.46 11.71 0.48
CA TYR A 63 -20.98 10.52 -0.30
C TYR A 63 -21.68 9.25 0.18
N VAL A 64 -21.90 9.15 1.50
CA VAL A 64 -22.75 8.09 2.12
C VAL A 64 -24.18 8.23 1.58
N GLU A 65 -24.69 9.47 1.51
CA GLU A 65 -26.08 9.76 1.05
C GLU A 65 -26.20 9.38 -0.43
N LYS A 66 -25.16 9.65 -1.21
CA LYS A 66 -25.08 9.31 -2.66
C LYS A 66 -25.06 7.79 -2.82
N ILE A 67 -24.51 7.05 -1.85
CA ILE A 67 -24.47 5.56 -1.88
C ILE A 67 -25.89 4.98 -1.68
N LYS A 68 -26.69 5.53 -0.76
CA LYS A 68 -28.02 4.93 -0.40
C LYS A 68 -29.11 5.08 -1.50
N ALA A 69 -29.48 3.97 -2.15
CA ALA A 69 -30.49 3.91 -3.23
C ALA A 69 -31.80 3.30 -2.70
N SER A 70 -31.75 2.43 -1.67
CA SER A 70 -32.87 1.51 -1.31
C SER A 70 -33.52 1.93 0.02
N GLY A 71 -34.07 1.00 0.79
CA GLY A 71 -34.87 1.30 2.01
C GLY A 71 -34.11 0.97 3.27
N THR A 72 -33.65 -0.27 3.38
CA THR A 72 -32.82 -0.80 4.52
C THR A 72 -31.40 -1.10 3.99
N LYS A 73 -30.82 -0.12 3.28
CA LYS A 73 -29.44 -0.19 2.73
C LYS A 73 -28.43 0.21 3.81
N GLU A 74 -27.44 -0.65 4.06
CA GLU A 74 -26.35 -0.42 5.03
C GLU A 74 -25.04 -0.29 4.26
N ILE A 75 -24.13 0.59 4.73
CA ILE A 75 -22.66 0.52 4.48
C ILE A 75 -22.01 0.16 5.82
N CYS A 76 -21.11 -0.83 5.83
CA CYS A 76 -20.72 -1.50 7.09
C CYS A 76 -19.92 -0.49 7.91
N VAL A 77 -20.41 -0.18 9.11
CA VAL A 77 -19.76 0.76 10.06
C VAL A 77 -19.39 -0.06 11.30
N VAL A 78 -18.12 -0.03 11.68
CA VAL A 78 -17.57 -0.82 12.82
C VAL A 78 -16.97 0.16 13.83
N ARG A 79 -16.89 -0.26 15.08
CA ARG A 79 -16.23 0.47 16.20
C ARG A 79 -14.93 -0.26 16.51
N PHE A 80 -13.91 0.51 16.86
CA PHE A 80 -12.56 0.00 17.21
C PHE A 80 -12.38 0.04 18.73
N THR A 81 -11.88 -1.07 19.28
CA THR A 81 -11.45 -1.16 20.70
C THR A 81 -9.97 -1.55 20.72
N PRO A 82 -9.10 -0.78 21.43
CA PRO A 82 -7.70 -1.15 21.59
C PRO A 82 -7.58 -2.35 22.54
N VAL A 83 -6.70 -3.29 22.22
CA VAL A 83 -6.59 -4.62 22.89
C VAL A 83 -5.69 -4.50 24.13
N THR A 84 -4.76 -3.54 24.15
CA THR A 84 -3.74 -3.36 25.22
C THR A 84 -3.84 -1.93 25.77
N GLU A 85 -3.35 -1.72 26.99
CA GLU A 85 -3.24 -0.38 27.62
C GLU A 85 -2.34 0.52 26.77
N GLU A 86 -1.33 -0.08 26.14
CA GLU A 86 -0.37 0.62 25.23
C GLU A 86 -1.12 1.15 24.00
N ASP A 87 -1.93 0.32 23.35
CA ASP A 87 -2.67 0.69 22.10
C ASP A 87 -3.63 1.84 22.40
N GLN A 88 -4.21 1.84 23.61
CA GLN A 88 -5.25 2.81 24.06
C GLN A 88 -4.69 4.23 24.06
N ILE A 89 -3.41 4.43 24.40
CA ILE A 89 -2.78 5.77 24.36
C ILE A 89 -2.79 6.25 22.89
N SER A 90 -2.16 5.52 21.97
CA SER A 90 -2.08 5.87 20.52
C SER A 90 -3.51 6.07 19.98
N TYR A 91 -4.43 5.17 20.37
CA TYR A 91 -5.88 5.25 20.07
C TYR A 91 -6.38 6.65 20.40
N THR A 92 -6.21 7.06 21.66
CA THR A 92 -6.69 8.35 22.21
C THR A 92 -6.02 9.51 21.46
N LEU A 93 -4.75 9.37 21.08
CA LEU A 93 -4.01 10.42 20.34
C LEU A 93 -4.66 10.62 18.96
N LEU A 94 -4.92 9.53 18.23
CA LEU A 94 -5.58 9.61 16.89
C LEU A 94 -6.96 10.24 17.04
N PHE A 95 -7.74 9.82 18.04
CA PHE A 95 -9.05 10.42 18.37
C PHE A 95 -8.86 11.92 18.65
N ALA A 96 -7.99 12.25 19.61
CA ALA A 96 -7.68 13.64 20.02
C ALA A 96 -7.28 14.44 18.78
N TYR A 97 -6.48 13.84 17.89
CA TYR A 97 -5.98 14.47 16.63
C TYR A 97 -7.16 14.98 15.79
N PHE A 98 -8.12 14.11 15.45
CA PHE A 98 -9.22 14.43 14.50
C PHE A 98 -10.31 15.23 15.21
N SER A 99 -10.68 14.85 16.43
CA SER A 99 -11.77 15.48 17.23
C SER A 99 -11.49 16.96 17.40
N SER A 100 -10.25 17.33 17.78
CA SER A 100 -9.78 18.72 17.95
C SER A 100 -9.96 19.48 16.62
N ARG A 101 -9.50 18.89 15.51
CA ARG A 101 -9.52 19.54 14.18
C ARG A 101 -10.91 19.42 13.52
N LYS A 102 -11.83 18.69 14.12
CA LYS A 102 -13.21 18.45 13.57
C LYS A 102 -13.13 17.85 12.15
N ARG A 103 -12.20 16.91 11.92
CA ARG A 103 -12.08 16.16 10.62
C ARG A 103 -12.24 14.66 10.87
N TYR A 104 -12.37 13.88 9.79
CA TYR A 104 -12.37 12.39 9.82
C TYR A 104 -11.09 11.86 9.15
N GLY A 105 -10.61 10.70 9.60
CA GLY A 105 -9.43 10.01 9.02
C GLY A 105 -9.81 9.26 7.77
N VAL A 106 -8.89 9.13 6.81
CA VAL A 106 -9.09 8.43 5.50
C VAL A 106 -7.95 7.43 5.30
N ALA A 107 -8.24 6.19 4.92
CA ALA A 107 -7.24 5.10 4.72
C ALA A 107 -6.72 5.11 3.28
N ALA A 108 -5.40 4.98 3.10
CA ALA A 108 -4.65 5.18 1.84
C ALA A 108 -4.29 3.84 1.17
N ASN A 109 -4.49 2.71 1.87
CA ASN A 109 -4.06 1.36 1.46
C ASN A 109 -4.92 0.82 0.31
N ASN A 110 -4.31 0.14 -0.65
CA ASN A 110 -5.00 -0.73 -1.64
C ASN A 110 -6.29 -1.27 -1.01
N MET A 111 -7.44 -0.85 -1.55
CA MET A 111 -8.79 -1.14 -1.00
C MET A 111 -9.45 -2.20 -1.89
N LYS A 112 -9.47 -3.46 -1.44
CA LYS A 112 -9.67 -4.66 -2.31
C LYS A 112 -11.02 -4.56 -3.03
N GLN A 113 -12.11 -4.54 -2.26
CA GLN A 113 -13.49 -4.27 -2.74
C GLN A 113 -14.01 -2.98 -2.10
N VAL A 114 -13.39 -2.51 -1.02
CA VAL A 114 -13.68 -1.20 -0.36
C VAL A 114 -13.08 -0.09 -1.24
N LYS A 115 -13.91 0.87 -1.66
CA LYS A 115 -13.55 2.02 -2.54
C LYS A 115 -12.91 3.12 -1.66
N ASP A 116 -13.59 3.48 -0.56
CA ASP A 116 -13.07 4.43 0.46
C ASP A 116 -13.40 3.87 1.86
N MET A 117 -12.53 4.16 2.84
CA MET A 117 -12.74 3.82 4.27
C MET A 117 -12.36 5.03 5.12
N TYR A 118 -13.14 5.31 6.16
CA TYR A 118 -13.00 6.52 7.01
C TYR A 118 -12.95 6.11 8.48
N LEU A 119 -12.14 6.83 9.26
CA LEU A 119 -12.14 6.75 10.75
C LEU A 119 -12.87 7.98 11.29
N ILE A 120 -13.97 7.73 12.02
CA ILE A 120 -14.86 8.77 12.59
C ILE A 120 -14.58 8.88 14.08
N PRO A 121 -13.98 9.99 14.57
CA PRO A 121 -13.95 10.25 16.00
C PRO A 121 -15.38 10.57 16.47
N LEU A 122 -15.98 9.66 17.24
CA LEU A 122 -17.29 9.90 17.92
C LEU A 122 -17.05 10.04 19.44
N GLY A 123 -17.20 11.26 19.96
CA GLY A 123 -17.09 11.59 21.39
C GLY A 123 -18.48 11.58 21.99
N ALA A 124 -18.90 12.68 22.63
CA ALA A 124 -20.28 12.89 23.15
C ALA A 124 -21.05 13.82 22.21
N THR A 125 -21.87 13.24 21.30
CA THR A 125 -22.79 13.98 20.38
C THR A 125 -24.22 13.98 20.93
N ASP A 126 -24.82 15.17 21.09
CA ASP A 126 -26.27 15.30 21.44
C ASP A 126 -27.12 14.69 20.34
N LYS A 127 -27.03 15.15 19.08
CA LYS A 127 -27.63 14.43 17.92
C LYS A 127 -26.57 13.51 17.32
N ILE A 128 -26.86 12.21 17.20
CA ILE A 128 -25.90 11.20 16.68
C ILE A 128 -25.77 11.49 15.19
N PRO A 129 -24.54 11.65 14.63
CA PRO A 129 -24.33 11.86 13.20
C PRO A 129 -25.33 11.17 12.25
N HIS A 130 -26.25 11.98 11.74
CA HIS A 130 -27.59 11.57 11.27
C HIS A 130 -27.46 10.55 10.14
N PRO A 131 -26.58 10.74 9.13
CA PRO A 131 -26.55 9.87 7.95
C PRO A 131 -26.14 8.40 8.18
N LEU A 132 -25.70 8.03 9.39
CA LEU A 132 -25.25 6.65 9.73
C LEU A 132 -26.25 5.97 10.68
N VAL A 133 -27.16 6.72 11.33
CA VAL A 133 -27.91 6.26 12.53
C VAL A 133 -28.72 5.00 12.21
N PRO A 134 -29.53 4.94 11.12
CA PRO A 134 -30.24 3.70 10.79
C PRO A 134 -29.23 2.56 10.60
N PHE A 135 -29.10 1.69 11.59
CA PHE A 135 -28.05 0.64 11.70
C PHE A 135 -28.55 -0.69 11.11
N ASP A 136 -29.70 -1.19 11.55
CA ASP A 136 -30.34 -2.43 11.01
C ASP A 136 -29.43 -3.62 11.25
N GLY A 137 -29.58 -4.28 12.42
CA GLY A 137 -28.65 -5.30 12.93
C GLY A 137 -28.22 -4.95 14.35
N PRO A 138 -26.90 -4.89 14.66
CA PRO A 138 -26.46 -4.46 15.98
C PRO A 138 -26.65 -2.94 16.17
N GLY A 139 -25.94 -2.34 17.13
CA GLY A 139 -25.81 -0.88 17.26
C GLY A 139 -24.93 -0.49 18.43
N LEU A 140 -24.69 0.81 18.62
CA LEU A 140 -23.85 1.34 19.71
C LEU A 140 -24.70 1.54 20.98
N GLU A 141 -24.06 1.44 22.14
CA GLU A 141 -24.65 1.68 23.48
C GLU A 141 -24.76 3.19 23.70
N LEU A 142 -25.60 3.61 24.65
CA LEU A 142 -25.81 5.03 25.04
C LEU A 142 -24.70 5.50 25.99
N HIS A 143 -24.20 4.61 26.86
CA HIS A 143 -23.02 4.87 27.74
C HIS A 143 -21.74 4.37 27.04
N ARG A 144 -21.13 5.25 26.26
CA ARG A 144 -19.90 4.96 25.45
C ARG A 144 -18.73 5.78 25.97
N PRO A 145 -17.48 5.31 25.77
CA PRO A 145 -16.31 6.18 25.83
C PRO A 145 -16.16 6.96 24.52
N ASN A 146 -15.07 7.72 24.38
CA ASN A 146 -14.66 8.32 23.10
C ASN A 146 -14.30 7.17 22.15
N LEU A 147 -14.95 7.10 20.98
CA LEU A 147 -14.81 5.95 20.05
C LEU A 147 -14.31 6.40 18.68
N LEU A 148 -13.40 5.61 18.10
CA LEU A 148 -13.03 5.65 16.67
C LEU A 148 -13.84 4.57 15.95
N LEU A 149 -14.63 4.97 14.96
CA LEU A 149 -15.41 4.05 14.10
C LEU A 149 -14.74 3.93 12.73
N GLY A 150 -14.79 2.72 12.17
CA GLY A 150 -14.46 2.42 10.76
C GLY A 150 -15.70 2.47 9.91
N LEU A 151 -15.65 3.24 8.81
CA LEU A 151 -16.74 3.40 7.82
C LEU A 151 -16.42 2.57 6.57
N ILE A 152 -17.17 1.51 6.29
CA ILE A 152 -16.93 0.56 5.14
C ILE A 152 -18.27 0.18 4.48
N ILE A 153 -18.36 -0.99 3.85
CA ILE A 153 -19.49 -1.47 2.99
C ILE A 153 -19.92 -2.87 3.47
N ARG A 154 -21.20 -3.08 3.78
CA ARG A 154 -21.86 -4.42 3.86
C ARG A 154 -23.16 -4.37 3.04
N GLN A 155 -23.72 -5.54 2.71
CA GLN A 155 -25.11 -5.71 2.22
C GLN A 155 -25.56 -7.14 2.55
N LYS A 156 -26.87 -7.37 2.70
CA LYS A 156 -27.51 -8.58 3.30
C LYS A 156 -27.46 -8.46 4.84
N LEU A 157 -27.98 -9.46 5.56
CA LEU A 157 -27.92 -9.52 7.04
C LEU A 157 -27.46 -10.90 7.50
N LYS A 158 -28.39 -11.84 7.75
CA LYS A 158 -28.10 -13.17 8.33
C LYS A 158 -27.38 -14.01 7.27
N ARG A 159 -26.04 -14.05 7.32
CA ARG A 159 -25.19 -14.95 6.47
C ARG A 159 -24.93 -16.23 7.26
N GLN A 160 -24.48 -17.29 6.58
CA GLN A 160 -24.19 -18.62 7.17
C GLN A 160 -23.73 -19.58 6.06
N ASN B 12 13.95 -0.14 25.42
CA ASN B 12 12.50 -0.27 25.04
C ASN B 12 12.30 -1.62 24.34
N PHE B 13 11.10 -1.87 23.80
CA PHE B 13 10.84 -2.86 22.70
C PHE B 13 11.27 -2.20 21.39
N ILE B 14 12.01 -2.94 20.54
CA ILE B 14 12.63 -2.39 19.31
C ILE B 14 11.62 -2.41 18.15
N TRP B 15 10.65 -3.32 18.21
CA TRP B 15 9.61 -3.50 17.16
C TRP B 15 8.37 -4.17 17.75
N LYS B 16 7.19 -3.67 17.39
CA LYS B 16 5.86 -4.29 17.65
C LYS B 16 5.13 -4.39 16.30
N GLY B 17 4.53 -5.54 16.02
CA GLY B 17 3.84 -5.79 14.73
C GLY B 17 3.33 -7.22 14.62
N PHE B 18 2.79 -7.58 13.47
CA PHE B 18 2.12 -8.88 13.20
C PHE B 18 3.15 -9.89 12.68
N ILE B 19 2.94 -11.16 13.00
CA ILE B 19 3.57 -12.32 12.31
C ILE B 19 2.45 -13.25 11.83
N ASN B 20 2.19 -13.27 10.52
CA ASN B 20 1.06 -13.97 9.88
C ASN B 20 1.62 -15.11 9.01
N MET B 21 1.28 -16.36 9.36
CA MET B 21 1.42 -17.52 8.43
C MET B 21 0.03 -17.88 7.90
N PRO B 22 -0.22 -17.66 6.59
CA PRO B 22 -1.52 -17.98 5.99
C PRO B 22 -2.06 -19.35 6.40
N SER B 23 -3.35 -19.42 6.72
CA SER B 23 -4.12 -20.67 7.03
C SER B 23 -3.83 -21.13 8.47
N VAL B 24 -2.54 -21.34 8.79
CA VAL B 24 -2.08 -21.91 10.09
C VAL B 24 -1.40 -20.82 10.92
N ALA B 25 -2.14 -20.19 11.83
CA ALA B 25 -1.63 -19.30 12.92
C ALA B 25 -1.30 -17.90 12.38
N LYS B 26 -1.86 -16.85 12.99
CA LYS B 26 -1.53 -15.42 12.74
C LYS B 26 -1.66 -14.63 14.06
N PHE B 27 -0.71 -13.74 14.39
CA PHE B 27 -0.67 -13.04 15.70
C PHE B 27 0.23 -11.80 15.67
N VAL B 28 0.01 -10.93 16.67
CA VAL B 28 0.84 -9.71 16.94
C VAL B 28 1.90 -10.09 17.97
N THR B 29 3.09 -9.50 17.87
CA THR B 29 4.28 -9.83 18.72
C THR B 29 5.24 -8.65 18.77
N LYS B 30 5.94 -8.49 19.90
CA LYS B 30 7.04 -7.52 20.10
C LYS B 30 8.38 -8.22 19.87
N ALA B 31 9.36 -7.51 19.31
CA ALA B 31 10.73 -8.03 19.02
C ALA B 31 11.72 -7.34 19.95
N TYR B 32 12.48 -8.13 20.72
CA TYR B 32 13.49 -7.63 21.68
C TYR B 32 14.89 -8.03 21.20
N PRO B 33 15.88 -7.12 21.34
CA PRO B 33 17.19 -7.32 20.73
C PRO B 33 17.94 -8.48 21.42
N VAL B 34 18.76 -9.21 20.66
CA VAL B 34 19.60 -10.32 21.18
C VAL B 34 21.07 -10.11 20.75
N SER B 35 21.29 -9.69 19.50
CA SER B 35 22.58 -9.13 19.01
C SER B 35 22.36 -8.24 17.79
N GLY B 36 22.81 -6.98 17.79
CA GLY B 36 23.04 -6.18 16.56
C GLY B 36 22.32 -4.84 16.51
N SER B 37 20.99 -4.85 16.47
CA SER B 37 20.14 -3.66 16.22
C SER B 37 20.12 -2.77 17.46
N PRO B 38 20.55 -1.48 17.36
CA PRO B 38 20.42 -0.53 18.46
C PRO B 38 19.02 0.14 18.51
N GLU B 39 18.94 1.39 18.96
CA GLU B 39 17.67 2.04 19.36
C GLU B 39 16.93 2.59 18.13
N TYR B 40 15.59 2.51 18.15
CA TYR B 40 14.65 3.03 17.13
C TYR B 40 14.87 2.32 15.78
N LEU B 41 14.02 1.33 15.47
CA LEU B 41 13.98 0.63 14.15
C LEU B 41 12.54 0.21 13.78
N THR B 42 11.52 0.56 14.58
CA THR B 42 10.14 -0.01 14.51
C THR B 42 9.50 0.32 13.15
N GLU B 43 9.93 1.43 12.54
CA GLU B 43 9.39 1.98 11.26
C GLU B 43 10.27 1.56 10.08
N ASP B 44 11.54 1.21 10.34
CA ASP B 44 12.45 0.61 9.32
C ASP B 44 12.14 -0.88 9.13
N LEU B 45 11.21 -1.44 9.92
CA LEU B 45 10.56 -2.75 9.65
C LEU B 45 9.08 -2.53 9.40
N PRO B 46 8.40 -3.37 8.58
CA PRO B 46 6.96 -3.24 8.37
C PRO B 46 6.18 -3.73 9.60
N ASP B 47 4.85 -3.71 9.51
CA ASP B 47 3.94 -4.05 10.63
C ASP B 47 3.62 -5.55 10.56
N SER B 48 3.13 -6.04 9.42
CA SER B 48 2.78 -7.46 9.20
C SER B 48 3.93 -8.20 8.50
N ILE B 49 4.37 -9.33 9.06
CA ILE B 49 5.38 -10.25 8.46
C ILE B 49 4.64 -11.50 7.99
N GLN B 50 4.42 -11.64 6.69
CA GLN B 50 3.82 -12.86 6.06
C GLN B 50 4.90 -13.94 6.01
N VAL B 51 4.58 -15.17 6.42
CA VAL B 51 5.53 -16.31 6.45
C VAL B 51 5.41 -17.07 5.11
N GLY B 52 6.41 -16.90 4.25
CA GLY B 52 6.42 -17.39 2.86
C GLY B 52 6.44 -18.90 2.78
N GLY B 53 7.19 -19.54 3.66
CA GLY B 53 7.30 -21.01 3.72
C GLY B 53 8.32 -21.47 4.73
N ARG B 54 9.07 -22.52 4.39
CA ARG B 54 9.95 -23.29 5.30
C ARG B 54 11.37 -23.34 4.69
N ILE B 55 12.34 -23.80 5.49
CA ILE B 55 13.75 -24.03 5.07
C ILE B 55 14.42 -24.96 6.08
N SER B 56 15.29 -25.86 5.64
CA SER B 56 16.13 -26.74 6.50
C SER B 56 17.04 -25.87 7.36
N PRO B 57 17.12 -26.07 8.70
CA PRO B 57 18.08 -25.34 9.51
C PRO B 57 19.50 -25.41 8.95
N GLN B 58 19.93 -26.62 8.56
CA GLN B 58 21.27 -26.92 7.99
C GLN B 58 21.56 -26.00 6.78
N THR B 59 20.55 -25.66 5.98
CA THR B 59 20.65 -24.72 4.83
C THR B 59 20.79 -23.28 5.33
N VAL B 60 20.28 -22.95 6.52
CA VAL B 60 20.41 -21.57 7.09
C VAL B 60 21.82 -21.42 7.67
N TRP B 61 22.31 -22.44 8.39
CA TRP B 61 23.64 -22.44 9.05
C TRP B 61 24.74 -22.51 7.98
N ASP B 62 24.47 -23.24 6.87
CA ASP B 62 25.38 -23.36 5.71
C ASP B 62 25.56 -21.97 5.08
N TYR B 63 24.54 -21.11 5.18
CA TYR B 63 24.54 -19.82 4.44
C TYR B 63 24.80 -18.66 5.41
N VAL B 64 24.47 -18.81 6.70
CA VAL B 64 24.66 -17.79 7.75
C VAL B 64 26.17 -17.56 7.94
N GLU B 65 26.96 -18.63 7.97
CA GLU B 65 28.44 -18.55 8.15
C GLU B 65 29.03 -17.84 6.94
N LYS B 66 28.53 -18.13 5.74
CA LYS B 66 28.94 -17.46 4.47
C LYS B 66 28.57 -15.98 4.51
N ILE B 67 27.49 -15.59 5.21
CA ILE B 67 27.07 -14.17 5.38
C ILE B 67 28.08 -13.42 6.27
N LYS B 68 28.54 -14.02 7.38
CA LYS B 68 29.51 -13.37 8.29
C LYS B 68 30.95 -13.52 7.75
N ALA B 69 31.09 -14.14 6.59
CA ALA B 69 32.34 -14.29 5.81
C ALA B 69 32.39 -13.28 4.64
N SER B 70 31.24 -12.79 4.17
CA SER B 70 31.12 -11.67 3.21
C SER B 70 30.76 -10.38 3.97
N GLY B 71 31.59 -9.35 3.89
CA GLY B 71 31.43 -8.10 4.67
C GLY B 71 30.67 -7.02 3.88
N THR B 72 29.50 -7.40 3.37
CA THR B 72 28.61 -6.55 2.53
C THR B 72 27.31 -6.29 3.31
N GLU B 74 25.37 -7.06 7.58
CA GLU B 74 25.29 -7.12 9.08
C GLU B 74 24.17 -8.09 9.47
N ILE B 75 24.40 -8.84 10.55
CA ILE B 75 23.48 -9.90 11.08
C ILE B 75 23.01 -9.47 12.46
N CYS B 76 21.70 -9.55 12.68
CA CYS B 76 21.00 -9.19 13.94
C CYS B 76 19.99 -10.31 14.24
N VAL B 77 19.89 -10.72 15.52
CA VAL B 77 18.92 -11.73 16.00
C VAL B 77 18.00 -11.05 17.02
N VAL B 78 16.68 -11.23 16.88
CA VAL B 78 15.66 -10.78 17.87
C VAL B 78 14.86 -12.00 18.34
N ARG B 79 14.24 -11.91 19.52
CA ARG B 79 13.23 -12.89 19.99
C ARG B 79 11.86 -12.23 19.97
N PHE B 80 10.80 -13.01 19.74
CA PHE B 80 9.40 -12.56 19.65
C PHE B 80 8.65 -12.95 20.93
N THR B 81 7.88 -12.02 21.50
CA THR B 81 6.98 -12.24 22.67
C THR B 81 5.57 -11.83 22.27
N PRO B 82 4.54 -12.69 22.41
CA PRO B 82 3.15 -12.32 22.09
C PRO B 82 2.63 -11.37 23.18
N VAL B 83 1.87 -10.35 22.77
CA VAL B 83 1.43 -9.23 23.67
C VAL B 83 0.12 -9.62 24.37
N THR B 84 -0.69 -10.52 23.80
CA THR B 84 -2.01 -10.94 24.36
C THR B 84 -2.03 -12.46 24.56
N GLU B 85 -2.94 -12.94 25.42
CA GLU B 85 -3.22 -14.39 25.64
C GLU B 85 -3.68 -15.00 24.32
N GLU B 86 -4.40 -14.23 23.49
CA GLU B 86 -4.92 -14.65 22.16
C GLU B 86 -3.73 -14.92 21.23
N ASP B 87 -2.79 -13.98 21.16
CA ASP B 87 -1.62 -14.05 20.23
C ASP B 87 -0.76 -15.27 20.59
N GLN B 88 -0.68 -15.59 21.88
CA GLN B 88 0.17 -16.68 22.45
C GLN B 88 -0.28 -18.05 21.88
N ILE B 89 -1.57 -18.26 21.67
CA ILE B 89 -2.09 -19.52 21.03
C ILE B 89 -1.48 -19.62 19.62
N SER B 90 -1.75 -18.66 18.75
CA SER B 90 -1.26 -18.63 17.34
C SER B 90 0.27 -18.74 17.35
N TYR B 91 0.93 -18.01 18.26
CA TYR B 91 2.40 -18.08 18.53
C TYR B 91 2.81 -19.55 18.65
N THR B 92 2.19 -20.25 19.61
CA THR B 92 2.48 -21.67 19.93
C THR B 92 2.20 -22.56 18.71
N LEU B 93 1.15 -22.26 17.95
CA LEU B 93 0.79 -23.04 16.73
C LEU B 93 1.89 -22.91 15.69
N LEU B 94 2.37 -21.70 15.41
CA LEU B 94 3.47 -21.45 14.44
C LEU B 94 4.74 -22.18 14.92
N PHE B 95 5.06 -22.07 16.20
CA PHE B 95 6.19 -22.80 16.84
C PHE B 95 5.97 -24.31 16.65
N ALA B 96 4.82 -24.83 17.07
CA ALA B 96 4.44 -26.26 16.95
C ALA B 96 4.57 -26.69 15.49
N TYR B 97 4.15 -25.83 14.55
CA TYR B 97 4.19 -26.10 13.09
C TYR B 97 5.62 -26.42 12.66
N PHE B 98 6.59 -25.56 12.96
CA PHE B 98 7.99 -25.70 12.48
C PHE B 98 8.76 -26.72 13.32
N SER B 99 8.61 -26.69 14.64
CA SER B 99 9.33 -27.58 15.60
C SER B 99 9.05 -29.05 15.25
N SER B 100 7.78 -29.40 15.00
CA SER B 100 7.33 -30.75 14.58
C SER B 100 8.02 -31.15 13.27
N ARG B 101 8.00 -30.25 12.27
CA ARG B 101 8.52 -30.48 10.91
C ARG B 101 10.04 -30.29 10.85
N LYS B 102 10.66 -29.89 11.97
CA LYS B 102 12.13 -29.69 12.09
C LYS B 102 12.63 -28.70 11.03
N ARG B 103 11.86 -27.65 10.72
CA ARG B 103 12.20 -26.60 9.72
C ARG B 103 12.15 -25.21 10.38
N TYR B 104 12.59 -24.18 9.67
CA TYR B 104 12.53 -22.75 10.06
C TYR B 104 11.57 -22.01 9.13
N GLY B 105 10.94 -20.95 9.62
CA GLY B 105 10.04 -20.08 8.84
C GLY B 105 10.84 -19.07 8.06
N VAL B 106 10.30 -18.65 6.90
CA VAL B 106 10.91 -17.64 5.99
C VAL B 106 9.86 -16.56 5.72
N ALA B 107 10.21 -15.28 5.88
CA ALA B 107 9.30 -14.13 5.71
C ALA B 107 9.30 -13.66 4.25
N ALA B 108 8.11 -13.47 3.67
CA ALA B 108 7.88 -13.21 2.23
C ALA B 108 7.54 -11.74 2.05
N ASN B 109 7.08 -11.06 3.11
CA ASN B 109 6.65 -9.63 3.05
C ASN B 109 7.92 -8.78 2.98
N ASN B 110 8.10 -8.03 1.89
CA ASN B 110 9.37 -7.39 1.50
C ASN B 110 9.20 -5.86 1.54
N MET B 111 9.97 -5.20 2.38
CA MET B 111 10.14 -3.73 2.43
C MET B 111 11.34 -3.32 1.56
N LYS B 112 11.45 -2.02 1.28
CA LYS B 112 12.22 -1.43 0.15
C LYS B 112 13.65 -1.99 0.10
N GLN B 113 14.32 -2.21 1.24
CA GLN B 113 15.77 -2.55 1.31
C GLN B 113 16.00 -3.87 2.08
N VAL B 114 14.99 -4.74 2.18
CA VAL B 114 15.05 -6.00 2.98
C VAL B 114 15.79 -7.07 2.16
N LYS B 115 16.79 -7.72 2.77
CA LYS B 115 17.38 -9.01 2.32
C LYS B 115 16.44 -10.21 2.52
N ASP B 116 16.72 -11.06 3.53
CA ASP B 116 15.94 -12.27 3.87
C ASP B 116 15.86 -12.38 5.39
N MET B 117 14.76 -12.94 5.92
CA MET B 117 14.52 -13.09 7.38
C MET B 117 13.98 -14.49 7.67
N TYR B 118 14.44 -15.09 8.77
CA TYR B 118 14.06 -16.47 9.16
C TYR B 118 13.55 -16.47 10.60
N LEU B 119 12.49 -17.25 10.84
CA LEU B 119 11.89 -17.45 12.18
C LEU B 119 12.29 -18.85 12.66
N ILE B 120 13.02 -18.88 13.78
CA ILE B 120 13.65 -20.11 14.36
C ILE B 120 12.83 -20.53 15.57
N PRO B 121 12.10 -21.67 15.50
CA PRO B 121 11.52 -22.27 16.70
C PRO B 121 12.66 -22.79 17.58
N LEU B 122 12.92 -22.12 18.70
CA LEU B 122 13.91 -22.56 19.73
C LEU B 122 13.14 -23.00 20.98
N GLY B 123 13.15 -24.29 21.28
CA GLY B 123 12.49 -24.90 22.46
C GLY B 123 13.06 -24.39 23.78
N ALA B 124 12.49 -24.83 24.91
CA ALA B 124 12.91 -24.43 26.28
C ALA B 124 14.21 -25.17 26.65
N THR B 125 14.30 -26.45 26.28
CA THR B 125 15.42 -27.38 26.63
C THR B 125 16.41 -27.52 25.46
N ASP B 126 16.08 -26.98 24.29
CA ASP B 126 16.88 -27.09 23.04
C ASP B 126 18.22 -26.39 23.26
N LYS B 127 19.26 -26.83 22.55
CA LYS B 127 20.60 -26.18 22.57
C LYS B 127 20.67 -25.18 21.42
N ILE B 128 21.12 -23.95 21.71
CA ILE B 128 21.20 -22.81 20.73
C ILE B 128 22.18 -23.21 19.64
N PRO B 129 21.79 -23.18 18.34
CA PRO B 129 22.66 -23.62 17.25
C PRO B 129 23.98 -22.84 17.25
N HIS B 130 25.03 -23.47 16.72
CA HIS B 130 26.44 -23.03 16.83
C HIS B 130 26.60 -21.62 16.26
N PRO B 131 26.04 -21.29 15.07
CA PRO B 131 26.31 -20.02 14.41
C PRO B 131 25.76 -18.76 15.09
N LEU B 132 25.01 -18.87 16.19
CA LEU B 132 24.32 -17.71 16.83
C LEU B 132 24.94 -17.33 18.18
N VAL B 133 25.81 -18.18 18.76
CA VAL B 133 26.30 -18.03 20.16
C VAL B 133 26.95 -16.65 20.38
N PRO B 134 27.89 -16.18 19.52
CA PRO B 134 28.47 -14.84 19.69
C PRO B 134 27.35 -13.80 19.66
N PHE B 135 26.92 -13.32 20.83
CA PHE B 135 25.88 -12.28 21.01
C PHE B 135 26.58 -10.94 21.26
N ASP B 136 26.90 -10.19 20.20
CA ASP B 136 27.55 -8.86 20.28
C ASP B 136 26.54 -7.87 20.88
N GLY B 137 26.85 -6.56 20.86
CA GLY B 137 26.14 -5.53 21.63
C GLY B 137 26.44 -5.69 23.11
N PRO B 138 25.45 -5.51 24.02
CA PRO B 138 25.67 -5.78 25.44
C PRO B 138 25.76 -7.29 25.70
N GLY B 139 25.66 -7.70 26.96
CA GLY B 139 25.67 -9.12 27.38
C GLY B 139 24.27 -9.61 27.72
N LEU B 140 23.62 -10.29 26.78
CA LEU B 140 22.19 -10.68 26.89
C LEU B 140 22.08 -12.04 27.58
N GLU B 141 20.95 -12.27 28.27
CA GLU B 141 20.62 -13.48 29.05
C GLU B 141 20.22 -14.59 28.06
N LEU B 142 20.37 -15.86 28.48
CA LEU B 142 20.04 -17.07 27.68
C LEU B 142 18.88 -17.82 28.36
N HIS B 143 18.01 -17.11 29.10
CA HIS B 143 16.84 -17.70 29.81
C HIS B 143 15.58 -17.45 28.99
N ARG B 144 14.78 -18.50 28.74
CA ARG B 144 13.69 -18.48 27.73
C ARG B 144 12.61 -19.51 28.04
N PRO B 145 11.36 -19.29 27.58
CA PRO B 145 10.39 -20.37 27.35
C PRO B 145 10.60 -21.02 25.97
N ASN B 146 9.61 -21.71 25.37
CA ASN B 146 9.65 -22.02 23.90
C ASN B 146 9.56 -20.69 23.15
N LEU B 147 10.55 -20.37 22.30
CA LEU B 147 10.68 -19.04 21.66
C LEU B 147 10.74 -19.17 20.15
N LEU B 148 10.08 -18.24 19.45
CA LEU B 148 10.29 -17.92 18.01
C LEU B 148 11.26 -16.74 17.95
N LEU B 149 12.42 -16.92 17.31
CA LEU B 149 13.44 -15.86 17.11
C LEU B 149 13.44 -15.39 15.65
N GLY B 150 13.65 -14.09 15.44
CA GLY B 150 13.88 -13.51 14.11
C GLY B 150 15.36 -13.38 13.83
N LEU B 151 15.79 -13.88 12.67
CA LEU B 151 17.19 -13.68 12.17
C LEU B 151 17.21 -12.60 11.09
N ILE B 152 17.78 -11.43 11.38
CA ILE B 152 17.72 -10.21 10.51
C ILE B 152 19.03 -10.08 9.72
N ILE B 153 18.93 -9.69 8.44
CA ILE B 153 20.04 -9.19 7.56
C ILE B 153 19.39 -8.33 6.48
N ARG B 154 19.90 -7.12 6.21
CA ARG B 154 19.35 -6.18 5.18
C ARG B 154 20.46 -5.72 4.23
N GLN B 155 20.07 -5.20 3.07
CA GLN B 155 20.96 -4.58 2.03
C GLN B 155 20.59 -3.10 1.92
N LYS B 156 21.56 -2.23 1.63
CA LYS B 156 21.43 -0.74 1.67
C LYS B 156 21.60 -0.17 0.26
N LEU B 157 20.83 0.88 -0.08
CA LEU B 157 21.00 1.73 -1.28
C LEU B 157 20.93 3.20 -0.85
N LYS B 158 19.72 3.76 -0.80
CA LYS B 158 19.40 5.21 -0.72
C LYS B 158 17.96 5.38 -1.26
N ARG B 159 17.37 6.56 -1.08
CA ARG B 159 16.02 6.91 -1.62
C ARG B 159 16.19 7.59 -2.98
N GLN B 160 17.05 8.61 -3.05
CA GLN B 160 17.40 9.33 -4.30
C GLN B 160 18.26 8.41 -5.18
N ASN C 12 13.11 20.94 -16.92
CA ASN C 12 12.72 19.54 -16.63
C ASN C 12 11.33 19.51 -16.00
N PHE C 13 10.71 18.33 -16.04
CA PHE C 13 9.40 18.01 -15.41
C PHE C 13 9.64 17.74 -13.92
N ILE C 14 8.80 18.32 -13.06
CA ILE C 14 8.97 18.24 -11.57
C ILE C 14 8.32 16.95 -11.05
N TRP C 15 7.31 16.44 -11.77
CA TRP C 15 6.58 15.20 -11.40
C TRP C 15 6.01 14.53 -12.64
N LYS C 16 6.13 13.21 -12.72
CA LYS C 16 5.48 12.35 -13.74
C LYS C 16 4.69 11.27 -13.01
N GLY C 17 3.44 11.07 -13.42
CA GLY C 17 2.54 10.09 -12.80
C GLY C 17 1.16 10.12 -13.41
N PHE C 18 0.24 9.35 -12.83
CA PHE C 18 -1.13 9.14 -13.33
C PHE C 18 -2.04 10.20 -12.72
N ILE C 19 -3.07 10.56 -13.49
CA ILE C 19 -4.29 11.27 -13.00
C ILE C 19 -5.48 10.42 -13.40
N ASN C 20 -6.07 9.74 -12.40
CA ASN C 20 -7.16 8.75 -12.61
C ASN C 20 -8.42 9.27 -11.93
N MET C 21 -9.45 9.57 -12.72
CA MET C 21 -10.83 9.75 -12.23
C MET C 21 -11.62 8.49 -12.60
N PRO C 22 -12.04 7.67 -11.61
CA PRO C 22 -12.82 6.46 -11.87
C PRO C 22 -13.98 6.70 -12.85
N SER C 23 -14.19 5.78 -13.79
CA SER C 23 -15.32 5.75 -14.76
C SER C 23 -15.05 6.72 -15.91
N VAL C 24 -14.80 8.00 -15.60
CA VAL C 24 -14.63 9.11 -16.58
C VAL C 24 -13.14 9.54 -16.63
N ALA C 25 -12.36 8.95 -17.55
CA ALA C 25 -11.01 9.40 -17.95
C ALA C 25 -9.93 9.01 -16.93
N LYS C 26 -8.86 8.36 -17.40
CA LYS C 26 -7.67 7.88 -16.63
C LYS C 26 -6.44 8.02 -17.54
N PHE C 27 -5.35 8.69 -17.12
CA PHE C 27 -4.16 8.97 -17.97
C PHE C 27 -2.92 9.36 -17.16
N VAL C 28 -1.76 9.21 -17.79
CA VAL C 28 -0.42 9.65 -17.28
C VAL C 28 -0.17 11.09 -17.74
N THR C 29 0.55 11.88 -16.95
CA THR C 29 0.85 13.30 -17.22
C THR C 29 2.14 13.70 -16.50
N LYS C 30 2.89 14.62 -17.09
CA LYS C 30 4.03 15.35 -16.45
C LYS C 30 3.53 16.69 -15.90
N ALA C 31 4.07 17.11 -14.76
CA ALA C 31 3.76 18.38 -14.09
C ALA C 31 4.95 19.33 -14.22
N TYR C 32 4.71 20.54 -14.74
CA TYR C 32 5.73 21.60 -14.93
C TYR C 32 5.36 22.79 -14.04
N PRO C 33 6.35 23.50 -13.45
CA PRO C 33 6.07 24.57 -12.49
C PRO C 33 5.39 25.77 -13.15
N VAL C 34 4.50 26.44 -12.41
CA VAL C 34 3.78 27.68 -12.86
C VAL C 34 3.91 28.77 -11.79
N SER C 35 3.77 28.42 -10.50
CA SER C 35 3.62 29.34 -9.34
C SER C 35 3.84 28.57 -8.03
N GLY C 36 4.82 28.98 -7.21
CA GLY C 36 5.15 28.34 -5.92
C GLY C 36 6.60 27.91 -5.84
N SER C 37 7.02 27.44 -4.67
CA SER C 37 8.42 27.02 -4.39
C SER C 37 8.70 25.67 -5.05
N PRO C 38 9.69 25.59 -5.97
CA PRO C 38 10.04 24.32 -6.62
C PRO C 38 11.07 23.47 -5.85
N GLU C 39 11.23 23.68 -4.54
CA GLU C 39 12.22 22.95 -3.69
C GLU C 39 11.60 21.62 -3.22
N TYR C 40 12.38 20.54 -3.29
CA TYR C 40 11.94 19.13 -3.06
C TYR C 40 10.79 18.75 -4.00
N LEU C 41 9.54 18.83 -3.50
CA LEU C 41 8.31 18.25 -4.12
C LEU C 41 8.53 16.78 -4.53
N THR C 42 9.51 16.11 -3.92
CA THR C 42 10.12 14.83 -4.39
C THR C 42 9.05 13.74 -4.58
N GLU C 43 8.95 12.77 -3.65
CA GLU C 43 7.82 11.80 -3.56
C GLU C 43 6.76 12.35 -2.58
N ASP C 44 6.59 13.67 -2.54
CA ASP C 44 5.51 14.38 -1.80
C ASP C 44 4.18 14.29 -2.59
N LEU C 45 4.23 13.77 -3.82
CA LEU C 45 3.03 13.37 -4.61
C LEU C 45 3.12 11.87 -4.86
N PRO C 46 1.98 11.16 -4.99
CA PRO C 46 1.98 9.74 -5.34
C PRO C 46 2.34 9.53 -6.81
N ASP C 47 2.15 8.31 -7.33
CA ASP C 47 2.25 8.00 -8.78
C ASP C 47 0.88 8.22 -9.41
N SER C 48 -0.17 7.58 -8.88
CA SER C 48 -1.59 7.80 -9.28
C SER C 48 -2.24 8.83 -8.35
N ILE C 49 -2.86 9.88 -8.92
CA ILE C 49 -3.75 10.82 -8.19
C ILE C 49 -5.20 10.49 -8.59
N GLN C 50 -5.94 9.91 -7.63
CA GLN C 50 -7.39 9.66 -7.76
C GLN C 50 -8.14 10.98 -7.58
N VAL C 51 -9.09 11.27 -8.46
CA VAL C 51 -9.89 12.54 -8.43
C VAL C 51 -11.16 12.26 -7.61
N GLY C 52 -11.21 12.78 -6.38
CA GLY C 52 -12.27 12.52 -5.38
C GLY C 52 -13.64 13.00 -5.82
N GLY C 53 -13.71 14.16 -6.47
CA GLY C 53 -14.96 14.71 -7.03
C GLY C 53 -14.79 16.09 -7.58
N ARG C 54 -15.78 16.97 -7.36
CA ARG C 54 -15.90 18.33 -7.92
C ARG C 54 -16.01 19.38 -6.80
N ILE C 55 -15.89 20.66 -7.15
CA ILE C 55 -16.03 21.82 -6.21
C ILE C 55 -16.23 23.10 -7.05
N SER C 56 -17.09 24.00 -6.59
CA SER C 56 -17.35 25.33 -7.21
C SER C 56 -16.07 26.16 -7.19
N PRO C 57 -15.64 26.74 -8.33
CA PRO C 57 -14.41 27.53 -8.36
C PRO C 57 -14.41 28.64 -7.30
N GLN C 58 -15.52 29.36 -7.15
CA GLN C 58 -15.68 30.48 -6.18
C GLN C 58 -15.38 30.02 -4.74
N THR C 59 -15.66 28.77 -4.40
CA THR C 59 -15.30 28.12 -3.11
C THR C 59 -13.79 27.85 -3.04
N VAL C 60 -13.12 27.64 -4.18
CA VAL C 60 -11.65 27.40 -4.20
C VAL C 60 -10.91 28.74 -4.06
N TRP C 61 -11.40 29.77 -4.75
CA TRP C 61 -10.84 31.16 -4.72
C TRP C 61 -11.06 31.79 -3.35
N ASP C 62 -12.20 31.48 -2.72
CA ASP C 62 -12.52 31.90 -1.33
C ASP C 62 -11.50 31.28 -0.36
N TYR C 63 -10.95 30.12 -0.71
CA TYR C 63 -10.05 29.31 0.15
C TYR C 63 -8.58 29.64 -0.13
N VAL C 64 -8.21 29.89 -1.38
CA VAL C 64 -6.81 30.31 -1.74
C VAL C 64 -6.53 31.68 -1.12
N GLU C 65 -7.49 32.60 -1.18
CA GLU C 65 -7.35 33.97 -0.62
C GLU C 65 -7.21 33.87 0.91
N LYS C 66 -7.98 32.97 1.53
CA LYS C 66 -7.89 32.67 2.99
C LYS C 66 -6.53 32.08 3.34
N ILE C 67 -5.91 31.33 2.43
CA ILE C 67 -4.55 30.72 2.64
C ILE C 67 -3.50 31.82 2.58
N LYS C 68 -3.58 32.74 1.61
CA LYS C 68 -2.54 33.78 1.40
C LYS C 68 -2.80 34.96 2.33
N ALA C 69 -3.82 34.87 3.18
CA ALA C 69 -4.10 35.85 4.27
C ALA C 69 -3.65 35.27 5.63
N SER C 70 -3.60 33.95 5.78
CA SER C 70 -3.07 33.24 6.97
C SER C 70 -1.65 32.72 6.70
N GLY C 71 -0.86 32.51 7.75
CA GLY C 71 0.50 31.92 7.67
C GLY C 71 0.45 30.40 7.88
N THR C 72 1.54 29.72 7.56
CA THR C 72 1.74 28.26 7.80
C THR C 72 0.84 27.44 6.85
N LYS C 73 0.85 27.79 5.56
CA LYS C 73 0.37 26.94 4.44
C LYS C 73 1.01 27.45 3.13
N GLU C 74 1.67 26.54 2.40
CA GLU C 74 2.47 26.83 1.19
C GLU C 74 1.67 26.42 -0.06
N ILE C 75 1.80 27.21 -1.13
CA ILE C 75 1.00 27.08 -2.39
C ILE C 75 1.95 26.75 -3.53
N CYS C 76 1.62 25.76 -4.34
CA CYS C 76 2.28 25.43 -5.63
C CYS C 76 1.20 25.23 -6.69
N VAL C 77 1.40 25.80 -7.89
CA VAL C 77 0.52 25.60 -9.07
C VAL C 77 1.36 24.98 -10.18
N VAL C 78 0.92 23.84 -10.73
CA VAL C 78 1.59 23.12 -11.85
C VAL C 78 0.59 22.98 -12.99
N ARG C 79 1.08 22.84 -14.22
CA ARG C 79 0.25 22.50 -15.40
C ARG C 79 0.61 21.06 -15.78
N PHE C 80 -0.38 20.33 -16.29
CA PHE C 80 -0.26 18.90 -16.68
C PHE C 80 -0.20 18.82 -18.21
N THR C 81 0.77 18.06 -18.72
CA THR C 81 0.91 17.72 -20.16
C THR C 81 0.86 16.21 -20.30
N PRO C 82 -0.06 15.65 -21.13
CA PRO C 82 -0.11 14.21 -21.37
C PRO C 82 1.09 13.80 -22.23
N VAL C 83 1.69 12.65 -21.89
CA VAL C 83 3.01 12.20 -22.42
C VAL C 83 2.80 11.44 -23.74
N THR C 84 1.62 10.85 -23.95
CA THR C 84 1.27 10.04 -25.14
C THR C 84 0.00 10.61 -25.78
N GLU C 85 -0.21 10.30 -27.07
CA GLU C 85 -1.44 10.63 -27.83
C GLU C 85 -2.65 9.96 -27.15
N GLU C 86 -2.43 8.78 -26.56
CA GLU C 86 -3.47 7.99 -25.82
C GLU C 86 -3.93 8.79 -24.60
N ASP C 87 -2.98 9.28 -23.79
CA ASP C 87 -3.27 10.01 -22.51
C ASP C 87 -4.06 11.28 -22.83
N GLN C 88 -3.75 11.92 -23.97
CA GLN C 88 -4.34 13.21 -24.41
C GLN C 88 -5.86 13.09 -24.57
N ILE C 89 -6.36 11.96 -25.06
CA ILE C 89 -7.84 11.71 -25.16
C ILE C 89 -8.45 11.81 -23.74
N SER C 90 -8.02 10.93 -22.82
CA SER C 90 -8.53 10.89 -21.42
C SER C 90 -8.36 12.26 -20.77
N TYR C 91 -7.22 12.90 -21.00
CA TYR C 91 -6.91 14.29 -20.58
C TYR C 91 -8.06 15.21 -20.99
N THR C 92 -8.38 15.24 -22.29
CA THR C 92 -9.43 16.08 -22.90
C THR C 92 -10.80 15.74 -22.28
N LEU C 93 -11.06 14.45 -22.02
CA LEU C 93 -12.33 13.99 -21.41
C LEU C 93 -12.49 14.60 -20.00
N LEU C 94 -11.44 14.51 -19.18
CA LEU C 94 -11.46 15.06 -17.80
C LEU C 94 -11.66 16.58 -17.87
N PHE C 95 -10.94 17.26 -18.77
CA PHE C 95 -11.10 18.72 -19.03
C PHE C 95 -12.55 18.99 -19.44
N ALA C 96 -13.04 18.30 -20.48
CA ALA C 96 -14.42 18.42 -20.99
C ALA C 96 -15.42 18.19 -19.85
N TYR C 97 -15.14 17.22 -18.98
CA TYR C 97 -15.99 16.84 -17.82
C TYR C 97 -16.20 18.07 -16.91
N PHE C 98 -15.13 18.72 -16.46
CA PHE C 98 -15.21 19.85 -15.49
C PHE C 98 -15.63 21.16 -16.16
N SER C 99 -15.07 21.45 -17.34
CA SER C 99 -15.36 22.67 -18.15
C SER C 99 -16.88 22.82 -18.37
N SER C 100 -17.52 21.73 -18.83
CA SER C 100 -18.98 21.63 -19.08
C SER C 100 -19.74 21.91 -17.78
N ARG C 101 -19.34 21.26 -16.69
CA ARG C 101 -20.02 21.32 -15.36
C ARG C 101 -19.62 22.59 -14.61
N LYS C 102 -18.70 23.40 -15.15
CA LYS C 102 -18.24 24.68 -14.54
C LYS C 102 -17.70 24.43 -13.12
N ARG C 103 -17.02 23.29 -12.89
CA ARG C 103 -16.44 22.92 -11.57
C ARG C 103 -14.93 22.65 -11.72
N TYR C 104 -14.27 22.46 -10.59
CA TYR C 104 -12.85 22.04 -10.48
C TYR C 104 -12.81 20.62 -9.90
N GLY C 105 -11.77 19.87 -10.25
CA GLY C 105 -11.47 18.53 -9.71
C GLY C 105 -10.80 18.66 -8.35
N VAL C 106 -11.04 17.70 -7.45
CA VAL C 106 -10.33 17.58 -6.15
C VAL C 106 -9.70 16.19 -6.08
N ALA C 107 -8.40 16.13 -5.78
CA ALA C 107 -7.61 14.87 -5.68
C ALA C 107 -7.69 14.34 -4.25
N ALA C 108 -7.91 13.03 -4.09
CA ALA C 108 -8.13 12.34 -2.79
C ALA C 108 -6.85 11.71 -2.25
N ASN C 109 -5.84 11.50 -3.09
CA ASN C 109 -4.51 10.95 -2.68
C ASN C 109 -3.73 12.03 -1.92
N ASN C 110 -3.07 11.65 -0.82
CA ASN C 110 -2.35 12.60 0.08
C ASN C 110 -1.06 11.93 0.57
N MET C 111 0.08 12.44 0.12
CA MET C 111 1.42 11.92 0.48
C MET C 111 2.05 12.87 1.48
N LYS C 112 2.82 12.34 2.45
CA LYS C 112 3.43 13.08 3.58
C LYS C 112 2.37 14.02 4.19
N GLN C 113 2.49 15.34 3.99
CA GLN C 113 1.61 16.36 4.64
C GLN C 113 1.01 17.29 3.59
N VAL C 114 0.80 16.82 2.35
CA VAL C 114 0.03 17.56 1.29
C VAL C 114 -1.47 17.46 1.62
N LYS C 115 -2.14 18.61 1.76
CA LYS C 115 -3.45 18.70 2.45
C LYS C 115 -4.54 18.59 1.38
N ASP C 116 -4.51 19.47 0.39
CA ASP C 116 -5.54 19.56 -0.69
C ASP C 116 -4.82 19.82 -2.02
N MET C 117 -5.33 19.20 -3.08
CA MET C 117 -4.99 19.54 -4.49
C MET C 117 -6.29 19.72 -5.28
N TYR C 118 -6.29 20.71 -6.19
CA TYR C 118 -7.42 20.96 -7.12
C TYR C 118 -6.91 20.93 -8.56
N LEU C 119 -7.71 20.35 -9.45
CA LEU C 119 -7.45 20.31 -10.92
C LEU C 119 -8.37 21.33 -11.58
N ILE C 120 -7.77 22.34 -12.20
CA ILE C 120 -8.47 23.53 -12.77
C ILE C 120 -8.47 23.36 -14.28
N PRO C 121 -9.64 23.12 -14.92
CA PRO C 121 -9.76 23.23 -16.36
C PRO C 121 -9.60 24.71 -16.73
N LEU C 122 -8.47 25.06 -17.35
CA LEU C 122 -8.20 26.41 -17.91
C LEU C 122 -8.18 26.29 -19.45
N GLY C 123 -9.19 26.86 -20.10
CA GLY C 123 -9.34 26.90 -21.57
C GLY C 123 -8.15 27.59 -22.26
N ALA C 124 -8.17 27.63 -23.59
CA ALA C 124 -7.20 28.37 -24.42
C ALA C 124 -7.51 29.87 -24.34
N THR C 125 -8.81 30.23 -24.33
CA THR C 125 -9.33 31.63 -24.34
C THR C 125 -9.71 32.07 -22.91
N ASP C 126 -9.76 31.14 -21.94
CA ASP C 126 -10.11 31.45 -20.52
C ASP C 126 -9.08 32.43 -19.94
N LYS C 127 -9.51 33.23 -18.95
CA LYS C 127 -8.64 34.14 -18.18
C LYS C 127 -8.14 33.40 -16.94
N ILE C 128 -6.83 33.46 -16.67
CA ILE C 128 -6.18 32.88 -15.46
C ILE C 128 -6.78 33.55 -14.22
N PRO C 129 -7.37 32.79 -13.26
CA PRO C 129 -8.19 33.39 -12.22
C PRO C 129 -7.38 34.36 -11.36
N HIS C 130 -8.04 35.36 -10.77
CA HIS C 130 -7.39 36.52 -10.09
C HIS C 130 -6.46 36.05 -8.98
N PRO C 131 -6.88 35.10 -8.11
CA PRO C 131 -6.08 34.74 -6.93
C PRO C 131 -4.74 34.04 -7.18
N LEU C 132 -4.41 33.70 -8.43
CA LEU C 132 -3.17 32.99 -8.82
C LEU C 132 -2.23 33.90 -9.63
N VAL C 133 -2.64 35.12 -9.99
CA VAL C 133 -1.93 35.98 -10.99
C VAL C 133 -0.47 36.21 -10.56
N PRO C 134 -0.16 36.63 -9.31
CA PRO C 134 1.25 36.73 -8.90
C PRO C 134 1.93 35.37 -9.04
N PHE C 135 2.69 35.16 -10.12
CA PHE C 135 3.40 33.90 -10.46
C PHE C 135 4.84 33.92 -9.92
N ASP C 136 5.03 33.39 -8.71
CA ASP C 136 6.38 33.04 -8.16
C ASP C 136 6.92 31.85 -8.96
N GLY C 137 7.57 32.13 -10.09
CA GLY C 137 8.22 31.12 -10.95
C GLY C 137 7.85 31.30 -12.42
N PRO C 138 7.99 30.24 -13.25
CA PRO C 138 7.77 30.35 -14.69
C PRO C 138 6.27 30.48 -14.99
N GLY C 139 5.83 31.70 -15.28
CA GLY C 139 4.48 32.01 -15.76
C GLY C 139 4.06 31.12 -16.91
N LEU C 140 2.77 31.11 -17.26
CA LEU C 140 2.24 30.41 -18.46
C LEU C 140 2.39 31.31 -19.69
N GLU C 141 2.53 30.69 -20.87
CA GLU C 141 2.58 31.37 -22.19
C GLU C 141 1.16 31.79 -22.57
N LEU C 142 1.04 32.78 -23.47
CA LEU C 142 -0.23 33.36 -23.94
C LEU C 142 -0.85 32.47 -25.02
N HIS C 143 -0.02 31.81 -25.85
CA HIS C 143 -0.44 30.75 -26.81
C HIS C 143 -0.34 29.38 -26.14
N ARG C 144 -1.43 28.98 -25.47
CA ARG C 144 -1.61 27.68 -24.79
C ARG C 144 -2.77 26.94 -25.45
N PRO C 145 -2.81 25.59 -25.37
CA PRO C 145 -4.03 24.83 -25.59
C PRO C 145 -4.90 24.85 -24.31
N ASN C 146 -5.97 24.06 -24.32
CA ASN C 146 -6.82 23.79 -23.13
C ASN C 146 -5.96 23.03 -22.13
N LEU C 147 -5.83 23.52 -20.90
CA LEU C 147 -4.90 22.96 -19.87
C LEU C 147 -5.67 22.56 -18.61
N LEU C 148 -5.28 21.42 -18.03
CA LEU C 148 -5.58 21.02 -16.63
C LEU C 148 -4.38 21.43 -15.78
N LEU C 149 -4.60 22.29 -14.79
CA LEU C 149 -3.57 22.74 -13.82
C LEU C 149 -3.82 22.03 -12.49
N GLY C 150 -2.74 21.66 -11.80
CA GLY C 150 -2.75 21.25 -10.39
C GLY C 150 -2.51 22.46 -9.50
N LEU C 151 -3.43 22.75 -8.58
CA LEU C 151 -3.23 23.73 -7.47
C LEU C 151 -2.95 22.94 -6.20
N ILE C 152 -1.72 22.99 -5.70
CA ILE C 152 -1.24 22.20 -4.53
C ILE C 152 -1.25 23.12 -3.30
N ILE C 153 -1.70 22.59 -2.16
CA ILE C 153 -1.68 23.27 -0.83
C ILE C 153 -0.95 22.35 0.16
N ARG C 154 0.15 22.83 0.74
CA ARG C 154 0.99 22.08 1.72
C ARG C 154 1.28 22.98 2.92
N GLN C 155 1.74 22.40 4.02
CA GLN C 155 2.28 23.11 5.21
C GLN C 155 3.68 23.65 4.85
N LYS C 156 4.12 24.71 5.52
CA LYS C 156 5.45 25.35 5.32
C LYS C 156 6.46 24.72 6.27
N LEU C 157 7.38 23.90 5.75
CA LEU C 157 8.56 23.39 6.50
C LEU C 157 9.79 23.40 5.59
N LYS C 158 10.97 23.50 6.21
CA LYS C 158 12.29 23.16 5.60
C LYS C 158 12.38 21.63 5.55
N ARG C 159 12.10 21.02 4.38
CA ARG C 159 12.03 19.53 4.20
C ARG C 159 13.40 19.01 3.76
N ASN D 12 -6.61 -4.74 -26.24
CA ASN D 12 -5.32 -5.19 -26.84
C ASN D 12 -4.32 -5.42 -25.71
N PHE D 13 -3.96 -4.35 -25.01
CA PHE D 13 -3.22 -4.36 -23.72
C PHE D 13 -4.23 -4.62 -22.60
N ILE D 14 -3.91 -5.53 -21.67
CA ILE D 14 -4.80 -5.95 -20.55
C ILE D 14 -4.70 -4.95 -19.40
N TRP D 15 -3.56 -4.27 -19.25
CA TRP D 15 -3.31 -3.33 -18.14
C TRP D 15 -2.25 -2.31 -18.56
N LYS D 16 -2.49 -1.04 -18.24
CA LYS D 16 -1.51 0.07 -18.38
C LYS D 16 -1.35 0.74 -17.01
N GLY D 17 -0.11 0.96 -16.59
CA GLY D 17 0.20 1.56 -15.28
C GLY D 17 1.68 1.62 -15.03
N PHE D 18 2.07 2.01 -13.80
CA PHE D 18 3.48 2.20 -13.39
C PHE D 18 4.03 0.89 -12.85
N ILE D 19 5.34 0.69 -13.03
CA ILE D 19 6.16 -0.32 -12.30
C ILE D 19 7.30 0.43 -11.63
N ASN D 20 7.21 0.53 -10.31
CA ASN D 20 8.14 1.31 -9.45
C ASN D 20 8.91 0.32 -8.59
N MET D 21 10.24 0.28 -8.74
CA MET D 21 11.15 -0.21 -7.69
C MET D 21 11.80 0.99 -7.03
N PRO D 22 11.47 1.26 -5.73
CA PRO D 22 12.05 2.41 -5.03
C PRO D 22 13.56 2.52 -5.22
N SER D 23 14.06 3.74 -5.45
CA SER D 23 15.51 4.08 -5.54
C SER D 23 16.07 3.69 -6.91
N VAL D 24 15.91 2.42 -7.31
CA VAL D 24 16.48 1.83 -8.56
C VAL D 24 15.36 1.59 -9.59
N ALA D 25 15.12 2.56 -10.48
CA ALA D 25 14.27 2.46 -11.70
C ALA D 25 12.78 2.53 -11.37
N LYS D 26 12.05 3.43 -12.07
CA LYS D 26 10.59 3.67 -11.96
C LYS D 26 10.07 4.10 -13.34
N PHE D 27 8.98 3.50 -13.85
CA PHE D 27 8.48 3.73 -15.23
C PHE D 27 7.03 3.21 -15.43
N VAL D 28 6.38 3.71 -16.48
CA VAL D 28 5.03 3.30 -16.97
C VAL D 28 5.22 2.17 -17.97
N THR D 29 4.27 1.23 -18.03
CA THR D 29 4.33 0.05 -18.93
C THR D 29 2.92 -0.49 -19.20
N LYS D 30 2.72 -1.05 -20.39
CA LYS D 30 1.52 -1.84 -20.76
C LYS D 30 1.82 -3.33 -20.55
N ALA D 31 0.83 -4.09 -20.09
CA ALA D 31 0.88 -5.55 -19.87
C ALA D 31 0.07 -6.26 -20.96
N TYR D 32 0.69 -7.19 -21.67
CA TYR D 32 0.07 -7.99 -22.74
C TYR D 32 0.01 -9.45 -22.31
N PRO D 33 -1.11 -10.15 -22.59
CA PRO D 33 -1.28 -11.53 -22.12
C PRO D 33 -0.28 -12.48 -22.79
N VAL D 34 0.17 -13.50 -22.05
CA VAL D 34 1.10 -14.54 -22.57
C VAL D 34 0.51 -15.94 -22.31
N SER D 35 -0.11 -16.16 -21.14
CA SER D 35 -0.74 -17.43 -20.74
C SER D 35 -1.91 -17.26 -19.76
N GLY D 36 -2.52 -18.38 -19.39
CA GLY D 36 -3.59 -18.48 -18.38
C GLY D 36 -4.72 -17.50 -18.64
N SER D 37 -5.57 -17.25 -17.64
CA SER D 37 -6.62 -16.20 -17.66
C SER D 37 -5.98 -14.82 -17.56
N PRO D 38 -6.20 -13.92 -18.56
CA PRO D 38 -5.67 -12.56 -18.53
C PRO D 38 -6.65 -11.40 -18.28
N GLU D 39 -7.96 -11.66 -18.26
CA GLU D 39 -9.00 -10.60 -18.43
C GLU D 39 -9.43 -10.10 -17.05
N TYR D 40 -9.82 -8.81 -16.97
CA TYR D 40 -10.25 -8.09 -15.75
C TYR D 40 -9.10 -8.11 -14.73
N LEU D 41 -8.16 -7.16 -14.88
CA LEU D 41 -6.93 -7.08 -14.04
C LEU D 41 -6.56 -5.62 -13.76
N THR D 42 -7.07 -4.66 -14.55
CA THR D 42 -6.72 -3.21 -14.38
C THR D 42 -7.25 -2.70 -13.05
N GLU D 43 -8.29 -3.34 -12.51
CA GLU D 43 -8.87 -3.08 -11.16
C GLU D 43 -8.33 -4.11 -10.17
N ASP D 44 -8.03 -5.31 -10.65
CA ASP D 44 -7.37 -6.40 -9.86
C ASP D 44 -5.86 -6.14 -9.76
N LEU D 45 -5.35 -5.14 -10.49
CA LEU D 45 -3.99 -4.57 -10.32
C LEU D 45 -4.15 -3.09 -9.95
N PRO D 46 -3.20 -2.49 -9.20
CA PRO D 46 -3.19 -1.04 -8.98
C PRO D 46 -2.76 -0.29 -10.25
N ASP D 47 -2.51 1.01 -10.13
CA ASP D 47 -1.94 1.87 -11.21
C ASP D 47 -0.41 1.83 -11.10
N SER D 48 0.14 2.12 -9.91
CA SER D 48 1.57 1.91 -9.56
C SER D 48 1.75 0.55 -8.87
N ILE D 49 2.67 -0.28 -9.38
CA ILE D 49 3.08 -1.58 -8.77
C ILE D 49 4.47 -1.39 -8.15
N GLN D 50 4.52 -1.34 -6.81
CA GLN D 50 5.79 -1.22 -6.06
C GLN D 50 6.45 -2.60 -6.03
N VAL D 51 7.76 -2.66 -6.31
CA VAL D 51 8.57 -3.91 -6.28
C VAL D 51 9.19 -4.01 -4.88
N GLY D 52 8.65 -4.93 -4.06
CA GLY D 52 9.03 -5.11 -2.64
C GLY D 52 10.47 -5.51 -2.44
N GLY D 53 11.00 -6.38 -3.30
CA GLY D 53 12.36 -6.93 -3.16
C GLY D 53 12.67 -7.98 -4.20
N ARG D 54 13.35 -9.06 -3.79
CA ARG D 54 13.94 -10.10 -4.67
C ARG D 54 13.44 -11.48 -4.24
N ILE D 55 13.69 -12.51 -5.07
CA ILE D 55 13.40 -13.95 -4.77
C ILE D 55 14.23 -14.82 -5.72
N SER D 56 14.73 -15.95 -5.22
CA SER D 56 15.44 -16.99 -6.02
C SER D 56 14.47 -17.55 -7.06
N PRO D 57 14.85 -17.62 -8.36
CA PRO D 57 14.00 -18.29 -9.34
C PRO D 57 13.65 -19.72 -8.91
N GLN D 58 14.64 -20.48 -8.43
CA GLN D 58 14.54 -21.91 -8.00
C GLN D 58 13.40 -22.06 -6.98
N THR D 59 13.20 -21.08 -6.09
CA THR D 59 12.12 -21.13 -5.06
C THR D 59 10.79 -20.74 -5.70
N VAL D 60 10.79 -20.01 -6.81
CA VAL D 60 9.55 -19.61 -7.53
C VAL D 60 9.04 -20.81 -8.34
N TRP D 61 9.94 -21.56 -8.97
CA TRP D 61 9.61 -22.75 -9.81
C TRP D 61 9.07 -23.88 -8.93
N ASP D 62 9.57 -24.01 -7.70
CA ASP D 62 9.05 -24.94 -6.66
C ASP D 62 7.60 -24.57 -6.33
N TYR D 63 7.24 -23.28 -6.46
CA TYR D 63 5.94 -22.71 -6.01
C TYR D 63 4.92 -22.73 -7.16
N VAL D 64 5.38 -22.51 -8.40
CA VAL D 64 4.54 -22.64 -9.63
C VAL D 64 4.06 -24.09 -9.75
N GLU D 65 4.95 -25.06 -9.52
CA GLU D 65 4.66 -26.52 -9.61
C GLU D 65 3.60 -26.87 -8.56
N LYS D 66 3.73 -26.31 -7.35
CA LYS D 66 2.79 -26.49 -6.21
C LYS D 66 1.42 -25.89 -6.59
N ILE D 67 1.40 -24.82 -7.38
CA ILE D 67 0.13 -24.15 -7.80
C ILE D 67 -0.58 -25.02 -8.85
N LYS D 68 0.18 -25.57 -9.81
CA LYS D 68 -0.36 -26.35 -10.95
C LYS D 68 -0.65 -27.79 -10.51
N ALA D 69 -0.43 -28.10 -9.23
CA ALA D 69 -0.81 -29.37 -8.58
C ALA D 69 -2.12 -29.23 -7.79
N SER D 70 -2.46 -28.01 -7.37
CA SER D 70 -3.72 -27.64 -6.67
C SER D 70 -4.68 -26.96 -7.66
N GLY D 71 -6.00 -27.07 -7.41
CA GLY D 71 -7.03 -26.43 -8.24
C GLY D 71 -7.70 -25.30 -7.49
N THR D 72 -6.95 -24.49 -6.74
CA THR D 72 -7.48 -23.34 -5.95
C THR D 72 -6.97 -22.02 -6.51
N LYS D 73 -5.86 -22.01 -7.27
CA LYS D 73 -5.15 -20.79 -7.70
C LYS D 73 -5.00 -20.80 -9.22
N GLU D 74 -5.21 -19.64 -9.85
CA GLU D 74 -4.99 -19.37 -11.29
C GLU D 74 -3.62 -18.70 -11.48
N ILE D 75 -2.96 -19.02 -12.58
CA ILE D 75 -1.68 -18.38 -13.01
C ILE D 75 -1.95 -17.56 -14.26
N CYS D 76 -1.51 -16.29 -14.25
CA CYS D 76 -1.44 -15.40 -15.41
C CYS D 76 0.00 -14.93 -15.55
N VAL D 77 0.54 -15.06 -16.76
CA VAL D 77 1.90 -14.56 -17.13
C VAL D 77 1.71 -13.51 -18.22
N VAL D 78 2.21 -12.29 -17.96
CA VAL D 78 2.09 -11.12 -18.86
C VAL D 78 3.51 -10.62 -19.16
N ARG D 79 3.68 -9.95 -20.30
CA ARG D 79 4.95 -9.28 -20.70
C ARG D 79 4.71 -7.77 -20.64
N PHE D 80 5.72 -7.02 -20.23
CA PHE D 80 5.65 -5.54 -20.05
C PHE D 80 6.39 -4.87 -21.20
N THR D 81 5.76 -3.85 -21.81
CA THR D 81 6.36 -2.98 -22.84
C THR D 81 6.32 -1.55 -22.34
N PRO D 82 7.46 -0.82 -22.32
CA PRO D 82 7.46 0.60 -21.95
C PRO D 82 6.85 1.42 -23.09
N VAL D 83 6.02 2.42 -22.74
CA VAL D 83 5.17 3.15 -23.73
C VAL D 83 5.97 4.33 -24.31
N THR D 84 6.98 4.83 -23.59
CA THR D 84 7.81 6.00 -23.99
C THR D 84 9.29 5.61 -24.02
N GLU D 85 10.09 6.37 -24.78
CA GLU D 85 11.58 6.31 -24.82
C GLU D 85 12.14 6.47 -23.40
N GLU D 86 11.51 7.33 -22.61
CA GLU D 86 11.89 7.65 -21.21
C GLU D 86 11.72 6.40 -20.34
N ASP D 87 10.57 5.74 -20.42
CA ASP D 87 10.22 4.56 -19.59
C ASP D 87 11.19 3.43 -19.88
N GLN D 88 11.61 3.32 -21.15
CA GLN D 88 12.48 2.23 -21.67
C GLN D 88 13.83 2.22 -20.94
N ILE D 89 14.38 3.39 -20.61
CA ILE D 89 15.65 3.49 -19.82
C ILE D 89 15.43 2.79 -18.46
N SER D 90 14.49 3.30 -17.65
CA SER D 90 14.19 2.76 -16.30
C SER D 90 13.85 1.26 -16.41
N TYR D 91 13.07 0.90 -17.44
CA TYR D 91 12.74 -0.50 -17.81
C TYR D 91 14.03 -1.32 -17.86
N THR D 92 14.97 -0.89 -18.69
CA THR D 92 16.27 -1.57 -18.94
C THR D 92 17.07 -1.65 -17.63
N LEU D 93 17.01 -0.61 -16.80
CA LEU D 93 17.72 -0.57 -15.49
C LEU D 93 17.18 -1.67 -14.57
N LEU D 94 15.85 -1.77 -14.43
CA LEU D 94 15.21 -2.80 -13.58
C LEU D 94 15.57 -4.19 -14.12
N PHE D 95 15.52 -4.38 -15.44
CA PHE D 95 15.95 -5.64 -16.11
C PHE D 95 17.42 -5.91 -15.75
N ALA D 96 18.29 -4.95 -16.05
CA ALA D 96 19.74 -5.02 -15.79
C ALA D 96 19.97 -5.36 -14.32
N TYR D 97 19.18 -4.75 -13.43
CA TYR D 97 19.28 -4.94 -11.96
C TYR D 97 19.12 -6.43 -11.59
N PHE D 98 18.03 -7.07 -12.01
CA PHE D 98 17.69 -8.47 -11.63
C PHE D 98 18.52 -9.48 -12.43
N SER D 99 18.68 -9.26 -13.74
CA SER D 99 19.38 -10.16 -14.68
C SER D 99 20.83 -10.37 -14.20
N SER D 100 21.52 -9.28 -13.85
CA SER D 100 22.90 -9.28 -13.31
C SER D 100 22.94 -10.11 -12.02
N ARG D 101 22.01 -9.87 -11.10
CA ARG D 101 21.95 -10.50 -9.74
C ARG D 101 21.31 -11.90 -9.82
N LYS D 102 20.84 -12.30 -11.00
CA LYS D 102 20.25 -13.64 -11.26
C LYS D 102 19.04 -13.90 -10.35
N ARG D 103 18.24 -12.88 -10.02
CA ARG D 103 17.06 -13.00 -9.12
C ARG D 103 15.81 -12.45 -9.82
N TYR D 104 14.63 -12.64 -9.21
CA TYR D 104 13.33 -12.12 -9.72
C TYR D 104 12.83 -11.01 -8.79
N GLY D 105 12.05 -10.08 -9.34
CA GLY D 105 11.37 -9.01 -8.57
C GLY D 105 10.10 -9.56 -7.94
N VAL D 106 9.72 -9.08 -6.75
CA VAL D 106 8.42 -9.41 -6.10
C VAL D 106 7.67 -8.10 -5.79
N ALA D 107 6.39 -8.02 -6.20
CA ALA D 107 5.50 -6.86 -5.97
C ALA D 107 4.81 -7.01 -4.61
N ALA D 108 4.74 -5.93 -3.82
CA ALA D 108 4.16 -5.93 -2.45
C ALA D 108 2.67 -5.51 -2.43
N ASN D 109 2.19 -4.84 -3.48
CA ASN D 109 0.76 -4.42 -3.58
C ASN D 109 -0.06 -5.66 -3.97
N ASN D 110 -1.00 -6.08 -3.11
CA ASN D 110 -1.84 -7.28 -3.29
C ASN D 110 -3.30 -6.86 -3.49
N MET D 111 -3.86 -7.14 -4.67
CA MET D 111 -5.19 -6.65 -5.08
C MET D 111 -6.21 -7.79 -5.02
N LYS D 112 -7.41 -7.52 -5.51
CA LYS D 112 -8.67 -8.32 -5.40
C LYS D 112 -8.43 -9.82 -5.53
N GLN D 113 -7.71 -10.25 -6.55
CA GLN D 113 -7.51 -11.69 -6.89
C GLN D 113 -6.02 -12.09 -6.80
N VAL D 114 -5.12 -11.11 -6.72
CA VAL D 114 -3.64 -11.33 -6.79
C VAL D 114 -3.16 -11.78 -5.41
N LYS D 115 -2.57 -12.98 -5.32
CA LYS D 115 -2.03 -13.57 -4.06
C LYS D 115 -0.57 -13.14 -3.99
N ASP D 116 0.20 -13.43 -5.04
CA ASP D 116 1.63 -13.05 -5.21
C ASP D 116 1.86 -12.63 -6.67
N MET D 117 2.79 -11.72 -6.91
CA MET D 117 3.24 -11.31 -8.28
C MET D 117 4.76 -11.24 -8.32
N TYR D 118 5.37 -11.69 -9.42
CA TYR D 118 6.84 -11.67 -9.63
C TYR D 118 7.15 -11.02 -10.98
N LEU D 119 8.24 -10.26 -11.04
CA LEU D 119 8.83 -9.74 -12.31
C LEU D 119 10.05 -10.58 -12.69
N ILE D 120 9.97 -11.23 -13.85
CA ILE D 120 11.01 -12.16 -14.37
C ILE D 120 11.77 -11.44 -15.48
N PRO D 121 13.06 -11.10 -15.27
CA PRO D 121 13.92 -10.68 -16.37
C PRO D 121 14.15 -11.87 -17.30
N LEU D 122 13.56 -11.83 -18.51
CA LEU D 122 13.78 -12.82 -19.60
C LEU D 122 14.57 -12.15 -20.71
N GLY D 123 15.84 -12.52 -20.89
CA GLY D 123 16.70 -12.04 -21.99
C GLY D 123 16.17 -12.42 -23.36
N ALA D 124 16.65 -11.80 -24.43
CA ALA D 124 16.25 -12.04 -25.83
C ALA D 124 16.76 -13.40 -26.32
N THR D 125 17.96 -13.79 -25.87
CA THR D 125 18.64 -15.09 -26.13
C THR D 125 18.38 -16.09 -25.00
N ASP D 126 17.85 -15.64 -23.85
CA ASP D 126 17.64 -16.48 -22.64
C ASP D 126 16.61 -17.55 -22.97
N LYS D 127 16.69 -18.69 -22.26
CA LYS D 127 15.75 -19.82 -22.34
C LYS D 127 14.60 -19.61 -21.35
N ILE D 128 13.36 -19.76 -21.82
CA ILE D 128 12.14 -19.72 -20.96
C ILE D 128 12.25 -20.84 -19.92
N PRO D 129 12.15 -20.55 -18.60
CA PRO D 129 12.24 -21.60 -17.59
C PRO D 129 11.18 -22.68 -17.79
N HIS D 130 11.43 -23.90 -17.30
CA HIS D 130 10.64 -25.13 -17.59
C HIS D 130 9.17 -24.93 -17.21
N PRO D 131 8.85 -24.38 -16.01
CA PRO D 131 7.46 -24.32 -15.55
C PRO D 131 6.50 -23.38 -16.31
N LEU D 132 7.00 -22.64 -17.31
CA LEU D 132 6.20 -21.64 -18.07
C LEU D 132 6.02 -22.17 -19.50
N VAL D 133 4.92 -22.93 -19.67
CA VAL D 133 4.60 -23.66 -20.93
C VAL D 133 3.11 -23.60 -21.22
N PRO D 134 2.19 -23.97 -20.30
CA PRO D 134 0.77 -23.94 -20.64
C PRO D 134 0.34 -22.50 -20.98
N PHE D 135 0.25 -22.17 -22.27
CA PHE D 135 -0.03 -20.80 -22.79
C PHE D 135 -1.54 -20.69 -23.07
N ASP D 136 -2.03 -21.40 -24.09
CA ASP D 136 -3.46 -21.42 -24.50
C ASP D 136 -3.94 -19.99 -24.83
N GLY D 137 -3.01 -19.08 -25.08
CA GLY D 137 -3.27 -17.67 -25.45
C GLY D 137 -2.11 -17.12 -26.27
N PRO D 138 -2.00 -15.78 -26.39
CA PRO D 138 -0.94 -15.17 -27.20
C PRO D 138 0.42 -15.34 -26.54
N GLY D 139 1.12 -16.43 -26.89
CA GLY D 139 2.35 -16.88 -26.22
C GLY D 139 3.51 -15.93 -26.52
N LEU D 140 4.75 -16.42 -26.38
CA LEU D 140 5.98 -15.60 -26.56
C LEU D 140 6.39 -15.59 -28.03
N GLU D 141 7.01 -14.50 -28.47
CA GLU D 141 7.60 -14.35 -29.84
C GLU D 141 8.95 -15.07 -29.84
N LEU D 142 9.48 -15.45 -31.00
CA LEU D 142 10.78 -16.17 -31.09
C LEU D 142 11.92 -15.14 -31.15
N HIS D 143 11.70 -14.03 -31.86
CA HIS D 143 12.67 -12.90 -31.96
C HIS D 143 12.24 -11.82 -30.96
N ARG D 144 12.68 -11.95 -29.72
CA ARG D 144 12.24 -11.08 -28.58
C ARG D 144 13.34 -10.07 -28.25
N PRO D 145 12.98 -8.90 -27.69
CA PRO D 145 13.95 -8.07 -26.97
C PRO D 145 14.14 -8.63 -25.56
N ASN D 146 14.98 -7.96 -24.76
CA ASN D 146 15.10 -8.27 -23.30
C ASN D 146 13.77 -7.85 -22.66
N LEU D 147 13.07 -8.77 -21.99
CA LEU D 147 11.69 -8.53 -21.51
C LEU D 147 11.60 -8.74 -19.99
N LEU D 148 10.83 -7.86 -19.34
CA LEU D 148 10.33 -8.04 -17.95
C LEU D 148 8.91 -8.60 -18.07
N LEU D 149 8.70 -9.77 -17.48
CA LEU D 149 7.39 -10.48 -17.48
C LEU D 149 6.82 -10.37 -16.08
N GLY D 150 5.50 -10.22 -16.00
CA GLY D 150 4.70 -10.38 -14.77
C GLY D 150 4.23 -11.83 -14.66
N LEU D 151 4.56 -12.50 -13.55
CA LEU D 151 3.94 -13.78 -13.15
C LEU D 151 2.93 -13.48 -12.05
N ILE D 152 1.63 -13.57 -12.39
CA ILE D 152 0.52 -13.26 -11.45
C ILE D 152 -0.02 -14.58 -10.91
N ILE D 153 -0.34 -14.61 -9.60
CA ILE D 153 -1.06 -15.74 -8.93
C ILE D 153 -2.36 -15.17 -8.36
N ARG D 154 -3.48 -15.73 -8.85
CA ARG D 154 -4.87 -15.27 -8.61
C ARG D 154 -5.70 -16.46 -8.15
N GLN D 155 -6.84 -16.21 -7.51
CA GLN D 155 -7.71 -17.26 -6.94
C GLN D 155 -8.55 -17.85 -8.07
N LYS D 156 -8.90 -19.14 -7.99
CA LYS D 156 -9.53 -19.89 -9.10
C LYS D 156 -11.06 -19.82 -8.96
N LEU D 157 -11.61 -18.63 -9.17
CA LEU D 157 -13.06 -18.39 -9.38
C LEU D 157 -13.22 -17.53 -10.64
N LYS D 158 -12.20 -17.55 -11.50
CA LYS D 158 -12.14 -16.82 -12.80
C LYS D 158 -12.05 -15.31 -12.51
N ARG D 159 -12.38 -14.49 -13.51
CA ARG D 159 -12.14 -13.02 -13.54
C ARG D 159 -13.43 -12.30 -13.13
N GLN D 160 -13.40 -10.97 -13.05
CA GLN D 160 -14.55 -10.11 -12.66
C GLN D 160 -15.64 -10.16 -13.74
N PRO E 3 -7.36 27.30 10.73
CA PRO E 3 -8.44 26.29 10.89
C PRO E 3 -9.53 26.43 9.81
N THR E 4 -9.22 26.06 8.56
CA THR E 4 -10.08 26.27 7.36
C THR E 4 -9.77 25.24 6.26
N SEP E 5 -10.83 24.60 5.76
CA SEP E 5 -10.80 23.73 4.58
CB SEP E 5 -10.27 22.35 4.91
OG SEP E 5 -8.97 22.46 5.54
C SEP E 5 -12.21 23.62 4.01
O SEP E 5 -13.17 23.64 4.77
P SEP E 5 -8.87 22.13 7.12
O1P SEP E 5 -10.10 22.73 7.76
O2P SEP E 5 -8.81 20.62 7.24
O3P SEP E 5 -7.59 22.82 7.58
N PRO E 6 -12.38 23.44 2.68
CA PRO E 6 -13.70 23.57 2.07
C PRO E 6 -14.56 22.31 2.21
N SER E 7 -15.82 22.41 1.77
CA SER E 7 -16.86 21.36 1.86
C SER E 7 -16.72 20.39 0.68
N TYR E 8 -17.25 20.79 -0.48
CA TYR E 8 -17.16 20.12 -1.80
C TYR E 8 -18.00 18.85 -1.84
N SEP E 9 -18.71 18.67 -2.96
CA SEP E 9 -19.52 17.49 -3.21
CB SEP E 9 -20.82 17.90 -3.91
OG SEP E 9 -20.73 17.55 -5.33
C SEP E 9 -18.71 16.49 -4.02
O SEP E 9 -17.95 16.88 -4.92
P SEP E 9 -21.82 18.16 -6.36
O1P SEP E 9 -23.11 18.35 -5.56
O2P SEP E 9 -21.24 19.47 -6.85
O3P SEP E 9 -21.96 17.13 -7.45
N PRO E 10 -18.82 15.18 -3.72
CA PRO E 10 -17.93 14.16 -4.31
C PRO E 10 -18.52 13.51 -5.56
N THR E 11 -17.78 12.58 -6.18
CA THR E 11 -18.24 11.82 -7.37
C THR E 11 -19.33 10.84 -6.94
N SEP E 12 -20.40 10.78 -7.74
CA SEP E 12 -21.55 9.92 -7.49
CB SEP E 12 -22.56 10.07 -8.61
OG SEP E 12 -23.16 11.38 -8.50
C SEP E 12 -21.11 8.46 -7.33
O SEP E 12 -21.26 7.87 -6.27
P SEP E 12 -22.86 12.52 -9.64
O1P SEP E 12 -22.40 13.75 -8.88
O2P SEP E 12 -24.19 12.77 -10.35
O3P SEP E 12 -21.78 11.98 -10.55
N PRO F 3 27.79 -12.77 -1.65
CA PRO F 3 26.49 -12.55 -0.99
C PRO F 3 25.58 -13.80 -0.97
N THR F 4 25.79 -14.72 -1.91
CA THR F 4 25.18 -16.09 -1.99
C THR F 4 23.66 -15.96 -1.92
N SEP F 5 23.03 -16.56 -0.89
CA SEP F 5 21.59 -16.77 -0.77
CB SEP F 5 20.78 -15.76 -1.55
OG SEP F 5 20.99 -14.45 -0.97
C SEP F 5 21.22 -18.20 -1.18
O SEP F 5 21.87 -18.77 -2.05
P SEP F 5 20.67 -13.14 -1.85
O1P SEP F 5 19.34 -12.61 -1.36
O2P SEP F 5 21.84 -12.21 -1.57
O3P SEP F 5 20.63 -13.60 -3.29
N PRO F 6 20.21 -18.82 -0.52
CA PRO F 6 19.69 -20.12 -0.93
C PRO F 6 18.29 -20.07 -1.56
N SER F 7 17.77 -21.23 -1.98
CA SER F 7 16.40 -21.42 -2.51
C SER F 7 15.60 -22.24 -1.49
N TYR F 8 14.47 -21.69 -1.02
CA TYR F 8 13.59 -22.33 0.00
C TYR F 8 12.34 -22.91 -0.65
N SEP F 9 11.64 -23.75 0.12
CA SEP F 9 10.42 -24.39 -0.35
CB SEP F 9 10.49 -25.88 -0.11
OG SEP F 9 9.99 -26.18 1.21
C SEP F 9 9.23 -23.72 0.33
O SEP F 9 9.12 -23.70 1.55
P SEP F 9 9.88 -27.73 1.65
O1P SEP F 9 9.12 -27.74 2.96
O2P SEP F 9 11.32 -28.20 1.80
O3P SEP F 9 9.14 -28.43 0.51
N PRO F 10 8.32 -23.12 -0.48
CA PRO F 10 7.27 -22.26 0.05
C PRO F 10 6.13 -23.08 0.67
N THR F 11 5.03 -22.40 1.04
CA THR F 11 3.80 -23.05 1.57
C THR F 11 2.89 -23.42 0.40
N SEP F 12 2.13 -24.51 0.59
CA SEP F 12 1.29 -25.10 -0.43
CB SEP F 12 0.71 -26.40 0.09
OG SEP F 12 1.75 -27.42 0.04
C SEP F 12 0.19 -24.11 -0.85
O SEP F 12 -0.04 -23.86 -2.03
P SEP F 12 2.80 -27.59 1.28
O1P SEP F 12 2.13 -27.07 2.55
O2P SEP F 12 4.03 -26.81 0.90
O3P SEP F 12 3.07 -29.09 1.33
#